data_9CSN
#
_entry.id   9CSN
#
_cell.length_a   43.110
_cell.length_b   48.170
_cell.length_c   62.900
_cell.angle_alpha   90.00
_cell.angle_beta   97.28
_cell.angle_gamma   90.00
#
_symmetry.space_group_name_H-M   'P 1 21 1'
#
loop_
_entity.id
_entity.type
_entity.pdbx_description
1 polymer 'Ribonuclease 7'
2 non-polymer 'BORIC ACID'
3 non-polymer 'ADENOSINE MONOPHOSPHATE'
4 non-polymer GLYCEROL
5 non-polymer 1,2-ETHANEDIOL
6 water water
#
_entity_poly.entity_id   1
_entity_poly.type   'polypeptide(L)'
_entity_poly.pdbx_seq_one_letter_code
;MKPKGMTSSQWFKIQHMQPSPQACNSAMKNINKHTKRCKDLNTFLHEPFSSVAATCQTPKIACKNGDKNCHQSHGAVSLT
MCKLTSGKHPNCRYKEKRQNKSYVVACKPPQKKDSQQFHLVPVHLDRVL
;
_entity_poly.pdbx_strand_id   A,B
#
# COMPACT_ATOMS: atom_id res chain seq x y z
N LYS A 2 -8.33 2.16 13.68
CA LYS A 2 -8.55 1.76 12.26
C LYS A 2 -8.32 2.96 11.34
N PRO A 3 -8.03 2.81 10.04
CA PRO A 3 -7.82 3.95 9.16
C PRO A 3 -9.01 4.92 9.17
N LYS A 4 -8.76 6.23 9.17
CA LYS A 4 -9.84 7.23 9.22
C LYS A 4 -10.61 7.18 7.90
N GLY A 5 -11.95 7.26 7.94
CA GLY A 5 -12.83 7.25 6.76
C GLY A 5 -13.27 5.87 6.34
N MET A 6 -12.81 4.81 7.00
CA MET A 6 -13.12 3.40 6.66
C MET A 6 -14.33 2.91 7.47
N THR A 7 -15.20 2.08 6.90
CA THR A 7 -16.23 1.49 7.78
C THR A 7 -15.56 0.33 8.52
N SER A 8 -16.04 0.01 9.72
CA SER A 8 -15.49 -1.05 10.59
C SER A 8 -15.41 -2.37 9.82
N SER A 9 -16.44 -2.75 9.08
CA SER A 9 -16.41 -4.04 8.35
C SER A 9 -15.52 -3.99 7.15
N GLN A 10 -15.22 -2.84 6.58
CA GLN A 10 -14.30 -2.81 5.46
C GLN A 10 -12.93 -2.96 6.01
N TRP A 11 -12.59 -2.34 7.14
CA TRP A 11 -11.27 -2.61 7.70
C TRP A 11 -11.15 -4.09 8.03
N PHE A 12 -12.23 -4.70 8.55
CA PHE A 12 -12.23 -6.14 8.86
C PHE A 12 -11.98 -6.95 7.58
N LYS A 13 -12.72 -6.65 6.51
CA LYS A 13 -12.50 -7.28 5.21
C LYS A 13 -11.02 -7.21 4.80
N ILE A 14 -10.45 -6.01 4.76
CA ILE A 14 -9.06 -5.76 4.31
C ILE A 14 -8.04 -6.51 5.19
N GLN A 15 -8.30 -6.69 6.47
CA GLN A 15 -7.33 -7.34 7.37
C GLN A 15 -7.48 -8.86 7.46
N HIS A 16 -8.70 -9.40 7.34
CA HIS A 16 -8.96 -10.84 7.61
C HIS A 16 -9.71 -11.62 6.54
N MET A 17 -10.01 -11.06 5.38
CA MET A 17 -10.74 -11.76 4.34
C MET A 17 -9.81 -12.10 3.18
N GLN A 18 -9.55 -13.39 2.98
CA GLN A 18 -8.66 -13.82 1.90
C GLN A 18 -9.09 -15.19 1.34
N PRO A 19 -10.24 -15.25 0.66
CA PRO A 19 -10.69 -16.56 0.13
C PRO A 19 -9.67 -17.22 -0.78
N SER A 20 -8.95 -16.43 -1.57
CA SER A 20 -7.88 -16.96 -2.41
C SER A 20 -6.57 -16.77 -1.67
N PRO A 21 -5.98 -17.84 -1.12
CA PRO A 21 -4.76 -17.69 -0.32
C PRO A 21 -3.62 -17.02 -1.08
N GLN A 22 -2.92 -16.13 -0.36
CA GLN A 22 -1.88 -15.29 -0.92
C GLN A 22 -0.69 -15.29 0.02
N ALA A 23 0.50 -15.05 -0.53
CA ALA A 23 1.71 -15.02 0.27
C ALA A 23 1.68 -13.87 1.28
N CYS A 24 2.10 -14.14 2.52
CA CYS A 24 2.04 -13.08 3.54
C CYS A 24 2.68 -11.78 3.08
N ASN A 25 3.85 -11.88 2.46
CA ASN A 25 4.62 -10.67 2.22
C ASN A 25 4.00 -9.78 1.18
N SER A 26 3.16 -10.31 0.31
CA SER A 26 2.41 -9.47 -0.61
C SER A 26 1.13 -8.98 0.07
N ALA A 27 0.43 -9.90 0.75
CA ALA A 27 -0.86 -9.51 1.30
C ALA A 27 -0.73 -8.52 2.46
N MET A 28 0.31 -8.64 3.27
CA MET A 28 0.41 -7.73 4.39
C MET A 28 0.58 -6.29 3.94
N LYS A 29 1.00 -6.04 2.70
CA LYS A 29 1.20 -4.65 2.28
C LYS A 29 -0.13 -3.89 2.19
N ASN A 30 -1.23 -4.58 1.91
CA ASN A 30 -2.53 -3.92 1.88
C ASN A 30 -2.99 -3.51 3.26
N ILE A 31 -2.41 -4.12 4.30
CA ILE A 31 -2.68 -3.71 5.65
C ILE A 31 -1.73 -2.61 6.09
N ASN A 32 -0.41 -2.84 5.97
CA ASN A 32 0.55 -1.87 6.51
C ASN A 32 0.59 -0.54 5.76
N LYS A 33 0.12 -0.47 4.51
CA LYS A 33 -0.04 0.83 3.88
C LYS A 33 -0.98 1.73 4.68
N HIS A 34 -1.80 1.17 5.56
CA HIS A 34 -2.64 2.03 6.40
C HIS A 34 -2.12 2.16 7.82
N THR A 35 -0.98 1.59 8.15
CA THR A 35 -0.52 1.60 9.53
C THR A 35 0.81 2.36 9.61
N LYS A 36 1.19 2.72 10.83
CA LYS A 36 2.45 3.43 10.99
C LYS A 36 3.60 2.52 11.35
N ARG A 37 3.33 1.33 11.89
CA ARG A 37 4.37 0.33 12.16
C ARG A 37 3.91 -1.01 11.60
N CYS A 38 4.86 -1.93 11.44
CA CYS A 38 4.50 -3.24 10.93
C CYS A 38 3.59 -3.96 11.92
N LYS A 39 2.47 -4.45 11.43
CA LYS A 39 1.61 -5.29 12.25
C LYS A 39 2.36 -6.56 12.61
N ASP A 40 2.34 -6.93 13.88
CA ASP A 40 3.17 -8.05 14.30
C ASP A 40 2.57 -9.40 13.99
N LEU A 41 1.24 -9.51 14.05
CA LEU A 41 0.54 -10.76 13.89
C LEU A 41 -0.80 -10.45 13.27
N ASN A 42 -1.14 -11.18 12.22
CA ASN A 42 -2.41 -10.98 11.53
C ASN A 42 -2.87 -12.31 10.97
N THR A 43 -4.15 -12.60 11.12
CA THR A 43 -4.75 -13.83 10.61
C THR A 43 -5.63 -13.55 9.39
N PHE A 44 -5.38 -14.24 8.27
CA PHE A 44 -6.26 -14.18 7.11
C PHE A 44 -7.21 -15.38 7.12
N LEU A 45 -8.53 -15.13 7.11
CA LEU A 45 -9.50 -16.22 6.97
C LEU A 45 -9.75 -16.59 5.51
N HIS A 46 -9.63 -17.88 5.17
CA HIS A 46 -9.79 -18.29 3.76
C HIS A 46 -11.25 -18.66 3.47
N GLU A 47 -12.12 -17.67 3.57
CA GLU A 47 -13.56 -17.81 3.36
C GLU A 47 -14.06 -16.54 2.72
N PRO A 48 -15.15 -16.59 1.95
CA PRO A 48 -15.79 -15.35 1.48
C PRO A 48 -16.47 -14.64 2.63
N PHE A 49 -16.79 -13.36 2.40
CA PHE A 49 -17.41 -12.51 3.43
C PHE A 49 -18.78 -13.03 3.89
N SER A 50 -19.58 -13.58 2.96
CA SER A 50 -20.88 -14.12 3.33
C SER A 50 -20.77 -15.24 4.37
N SER A 51 -19.68 -16.00 4.39
CA SER A 51 -19.69 -17.11 5.34
C SER A 51 -19.17 -16.71 6.72
N VAL A 52 -18.51 -15.58 6.80
CA VAL A 52 -18.11 -15.00 8.11
C VAL A 52 -19.32 -14.23 8.62
N ALA A 53 -20.09 -13.61 7.72
CA ALA A 53 -21.33 -12.89 8.03
C ALA A 53 -22.29 -13.87 8.67
N ALA A 54 -22.38 -15.09 8.16
CA ALA A 54 -23.22 -16.18 8.70
C ALA A 54 -22.74 -16.54 10.10
N THR A 55 -21.43 -16.50 10.34
CA THR A 55 -20.91 -16.79 11.70
C THR A 55 -21.54 -15.82 12.70
N CYS A 56 -21.81 -14.57 12.32
CA CYS A 56 -22.46 -13.56 13.20
C CYS A 56 -23.89 -14.00 13.60
N GLN A 57 -24.51 -14.97 12.93
CA GLN A 57 -25.83 -15.57 13.23
C GLN A 57 -25.73 -16.71 14.27
N THR A 58 -24.53 -17.13 14.72
CA THR A 58 -24.30 -17.99 15.88
C THR A 58 -24.78 -17.37 17.17
N PRO A 59 -24.95 -18.15 18.22
CA PRO A 59 -25.32 -17.54 19.49
C PRO A 59 -24.26 -16.56 19.99
N LYS A 60 -24.73 -15.46 20.57
CA LYS A 60 -23.89 -14.48 21.27
C LYS A 60 -23.01 -15.19 22.28
N ILE A 61 -21.72 -14.81 22.31
CA ILE A 61 -20.80 -15.24 23.36
C ILE A 61 -19.92 -14.06 23.78
N ALA A 62 -19.26 -14.20 24.92
CA ALA A 62 -18.48 -13.10 25.45
C ALA A 62 -17.19 -12.96 24.67
N CYS A 63 -16.82 -11.71 24.33
CA CYS A 63 -15.52 -11.48 23.71
C CYS A 63 -14.43 -11.52 24.78
N LYS A 64 -13.17 -11.45 24.34
CA LYS A 64 -12.06 -11.34 25.28
C LYS A 64 -12.25 -10.16 26.25
N ASN A 65 -12.72 -9.00 25.76
CA ASN A 65 -12.82 -7.80 26.58
C ASN A 65 -14.13 -7.69 27.35
N GLY A 66 -14.92 -8.76 27.43
CA GLY A 66 -16.17 -8.69 28.14
C GLY A 66 -17.40 -8.27 27.33
N ASP A 67 -17.23 -7.68 26.15
CA ASP A 67 -18.39 -7.41 25.33
C ASP A 67 -19.13 -8.72 25.09
N LYS A 68 -20.42 -8.64 24.75
CA LYS A 68 -21.24 -9.81 24.45
C LYS A 68 -21.75 -9.80 22.99
N ASN A 69 -20.88 -9.49 22.06
CA ASN A 69 -21.25 -9.45 20.62
C ASN A 69 -20.32 -10.36 19.84
N CYS A 70 -19.75 -11.36 20.50
CA CYS A 70 -18.83 -12.28 19.85
C CYS A 70 -19.59 -13.48 19.36
N HIS A 71 -19.07 -14.14 18.33
CA HIS A 71 -19.73 -15.27 17.63
C HIS A 71 -18.67 -16.29 17.19
N GLN A 72 -18.81 -17.56 17.54
CA GLN A 72 -17.88 -18.59 17.11
C GLN A 72 -18.35 -19.22 15.83
N SER A 73 -17.40 -19.58 14.99
CA SER A 73 -17.71 -20.24 13.73
C SER A 73 -18.30 -21.63 13.96
N HIS A 74 -19.12 -22.08 13.02
CA HIS A 74 -19.63 -23.45 13.12
C HIS A 74 -18.49 -24.45 13.15
N GLY A 75 -17.44 -24.22 12.39
CA GLY A 75 -16.35 -25.17 12.40
C GLY A 75 -15.07 -24.51 12.00
N ALA A 76 -14.05 -25.35 11.82
CA ALA A 76 -12.76 -24.81 11.42
C ALA A 76 -12.80 -24.49 9.94
N VAL A 77 -11.91 -23.60 9.53
CA VAL A 77 -11.77 -23.15 8.12
C VAL A 77 -10.29 -23.10 7.79
N SER A 78 -9.98 -23.01 6.51
CA SER A 78 -8.55 -22.88 6.18
C SER A 78 -8.18 -21.45 6.55
N LEU A 79 -7.05 -21.23 7.21
CA LEU A 79 -6.59 -19.86 7.54
C LEU A 79 -5.06 -19.82 7.54
N THR A 80 -4.52 -18.62 7.38
CA THR A 80 -3.07 -18.35 7.40
C THR A 80 -2.74 -17.31 8.49
N MET A 81 -1.84 -17.61 9.42
CA MET A 81 -1.33 -16.60 10.38
C MET A 81 -0.04 -16.01 9.78
N CYS A 82 0.13 -14.68 9.79
CA CYS A 82 1.29 -13.95 9.23
C CYS A 82 2.04 -13.24 10.37
N LYS A 83 3.04 -13.89 10.97
CA LYS A 83 3.82 -13.33 12.11
C LYS A 83 5.00 -12.50 11.58
N LEU A 84 5.21 -11.25 12.06
CA LEU A 84 6.37 -10.45 11.64
C LEU A 84 7.74 -10.97 12.14
N THR A 85 8.75 -10.96 11.26
CA THR A 85 10.10 -11.42 11.60
C THR A 85 11.20 -10.37 11.44
N SER A 86 11.02 -9.36 10.59
CA SER A 86 12.08 -8.38 10.33
C SER A 86 11.57 -7.22 9.49
N GLY A 87 12.38 -6.17 9.43
CA GLY A 87 12.07 -5.05 8.57
C GLY A 87 11.61 -3.85 9.36
N LYS A 88 11.87 -2.69 8.81
CA LYS A 88 11.33 -1.43 9.31
C LYS A 88 10.22 -1.02 8.34
N HIS A 89 9.04 -0.73 8.89
CA HIS A 89 7.85 -0.30 8.15
C HIS A 89 8.20 0.68 7.06
N PRO A 90 7.66 0.56 5.82
CA PRO A 90 6.73 -0.44 5.28
C PRO A 90 7.44 -1.64 4.66
N ASN A 91 8.72 -1.88 4.95
CA ASN A 91 9.38 -3.05 4.37
C ASN A 91 9.27 -4.24 5.33
N CYS A 92 8.03 -4.61 5.64
CA CYS A 92 7.77 -5.62 6.65
C CYS A 92 7.94 -7.01 6.06
N ARG A 93 8.54 -7.92 6.83
CA ARG A 93 8.82 -9.28 6.40
C ARG A 93 8.19 -10.26 7.37
N TYR A 94 7.60 -11.32 6.82
CA TYR A 94 6.72 -12.19 7.60
C TYR A 94 7.04 -13.64 7.37
N LYS A 95 6.82 -14.43 8.41
CA LYS A 95 6.76 -15.87 8.29
C LYS A 95 5.30 -16.26 8.42
N GLU A 96 4.93 -17.33 7.73
CA GLU A 96 3.57 -17.73 7.49
C GLU A 96 3.33 -19.02 8.26
N LYS A 97 2.08 -19.24 8.66
CA LYS A 97 1.67 -20.52 9.22
C LYS A 97 0.23 -20.80 8.78
N ARG A 98 0.05 -21.87 8.01
CA ARG A 98 -1.26 -22.23 7.50
C ARG A 98 -1.83 -23.35 8.36
N GLN A 99 -2.98 -23.09 8.97
CA GLN A 99 -3.64 -24.03 9.86
C GLN A 99 -5.11 -24.17 9.49
N ASN A 100 -5.78 -25.11 10.17
CA ASN A 100 -7.23 -25.31 10.08
C ASN A 100 -7.80 -25.14 11.48
N LYS A 101 -8.54 -24.06 11.74
CA LYS A 101 -9.03 -23.81 13.09
C LYS A 101 -10.34 -23.04 13.04
N SER A 102 -11.10 -23.10 14.12
CA SER A 102 -12.25 -22.24 14.32
C SER A 102 -11.82 -20.83 14.72
N TYR A 103 -12.75 -19.88 14.60
CA TYR A 103 -12.48 -18.49 14.95
C TYR A 103 -13.70 -17.87 15.62
N VAL A 104 -13.45 -16.76 16.30
CA VAL A 104 -14.48 -16.00 17.01
C VAL A 104 -14.41 -14.55 16.56
N VAL A 105 -15.56 -13.98 16.17
CA VAL A 105 -15.62 -12.64 15.62
C VAL A 105 -16.64 -11.80 16.41
N ALA A 106 -16.32 -10.51 16.61
CA ALA A 106 -17.30 -9.58 17.16
C ALA A 106 -18.04 -8.96 15.98
N CYS A 107 -19.39 -8.85 16.12
CA CYS A 107 -20.25 -8.42 15.02
C CYS A 107 -21.21 -7.30 15.46
N LYS A 108 -21.58 -6.45 14.49
CA LYS A 108 -22.64 -5.47 14.70
C LYS A 108 -23.36 -5.22 13.39
N PRO A 109 -24.42 -4.43 13.40
CA PRO A 109 -25.08 -4.09 12.16
C PRO A 109 -24.12 -3.34 11.25
N PRO A 110 -24.27 -3.50 9.94
CA PRO A 110 -23.44 -2.76 8.99
C PRO A 110 -23.68 -1.27 9.09
N GLN A 111 -22.76 -0.54 8.51
CA GLN A 111 -22.97 0.89 8.39
C GLN A 111 -23.61 1.15 7.03
N LYS A 112 -24.14 2.36 6.86
CA LYS A 112 -24.85 2.81 5.64
C LYS A 112 -23.98 2.66 4.38
N LYS A 113 -22.66 2.83 4.47
CA LYS A 113 -21.76 2.76 3.28
C LYS A 113 -21.35 1.33 2.95
N ASP A 114 -21.71 0.34 3.76
CA ASP A 114 -21.23 -1.02 3.56
C ASP A 114 -21.89 -1.61 2.33
N SER A 115 -21.08 -2.19 1.45
CA SER A 115 -21.59 -2.74 0.20
C SER A 115 -22.35 -4.05 0.37
N GLN A 116 -22.15 -4.78 1.47
CA GLN A 116 -22.86 -6.03 1.69
C GLN A 116 -23.71 -5.93 2.95
N GLN A 117 -24.99 -5.53 2.82
CA GLN A 117 -25.93 -5.32 3.95
C GLN A 117 -26.43 -6.65 4.53
N PHE A 118 -25.56 -7.48 5.09
CA PHE A 118 -26.06 -8.52 5.97
C PHE A 118 -26.52 -7.85 7.25
N HIS A 119 -27.47 -8.47 7.96
CA HIS A 119 -27.99 -7.79 9.12
C HIS A 119 -26.99 -7.77 10.25
N LEU A 120 -25.98 -8.64 10.23
CA LEU A 120 -24.87 -8.45 11.14
C LEU A 120 -23.58 -8.75 10.39
N VAL A 121 -22.57 -7.89 10.57
CA VAL A 121 -21.28 -8.08 9.93
C VAL A 121 -20.15 -8.17 10.95
N PRO A 122 -19.07 -8.90 10.65
CA PRO A 122 -17.88 -8.89 11.52
C PRO A 122 -17.15 -7.57 11.52
N VAL A 123 -16.60 -7.20 12.67
CA VAL A 123 -15.82 -5.98 12.78
C VAL A 123 -14.51 -6.15 13.53
N HIS A 124 -14.33 -7.26 14.24
CA HIS A 124 -13.05 -7.62 14.81
C HIS A 124 -12.97 -9.13 14.86
N LEU A 125 -11.74 -9.66 14.74
CA LEU A 125 -11.41 -11.07 14.95
C LEU A 125 -11.02 -11.17 16.43
N ASP A 126 -11.90 -11.69 17.25
CA ASP A 126 -11.55 -11.82 18.68
C ASP A 126 -10.71 -13.07 18.84
N ARG A 127 -10.98 -14.21 18.20
CA ARG A 127 -10.07 -15.35 18.49
C ARG A 127 -9.88 -16.34 17.34
N VAL A 128 -8.82 -17.12 17.47
CA VAL A 128 -8.49 -18.27 16.61
C VAL A 128 -8.39 -19.43 17.61
N LEU A 129 -9.38 -20.32 17.69
CA LEU A 129 -9.36 -21.47 18.62
C LEU A 129 -8.62 -22.64 17.96
N LYS B 2 12.17 22.33 -5.70
CA LYS B 2 12.02 22.10 -7.15
C LYS B 2 12.30 23.34 -7.98
N PRO B 3 12.85 23.14 -9.18
CA PRO B 3 13.27 24.27 -10.01
C PRO B 3 12.18 25.30 -10.29
N LYS B 4 12.58 26.57 -10.42
CA LYS B 4 11.68 27.71 -10.71
C LYS B 4 11.22 27.56 -12.15
N GLY B 5 9.98 27.94 -12.44
CA GLY B 5 9.43 27.83 -13.80
C GLY B 5 8.58 26.58 -13.95
N MET B 6 9.14 25.40 -13.78
CA MET B 6 8.39 24.15 -14.03
C MET B 6 7.32 23.90 -12.95
N THR B 7 6.31 23.12 -13.29
CA THR B 7 5.24 22.74 -12.34
C THR B 7 5.71 21.51 -11.57
N SER B 8 5.24 21.29 -10.34
CA SER B 8 5.59 20.10 -9.56
C SER B 8 5.55 18.86 -10.44
N SER B 9 4.54 18.77 -11.29
CA SER B 9 4.27 17.56 -12.03
C SER B 9 5.28 17.33 -13.13
N GLN B 10 5.73 18.41 -13.79
CA GLN B 10 6.79 18.23 -14.78
C GLN B 10 8.09 17.83 -14.10
N TRP B 11 8.42 18.47 -12.98
CA TRP B 11 9.63 18.06 -12.27
C TRP B 11 9.55 16.58 -11.89
N PHE B 12 8.38 16.10 -11.45
CA PHE B 12 8.23 14.66 -11.23
C PHE B 12 8.49 13.89 -12.52
N LYS B 13 7.89 14.31 -13.61
CA LYS B 13 8.10 13.64 -14.90
C LYS B 13 9.58 13.49 -15.20
N ILE B 14 10.32 14.60 -15.17
CA ILE B 14 11.75 14.67 -15.54
C ILE B 14 12.56 13.73 -14.64
N GLN B 15 12.28 13.74 -13.34
CA GLN B 15 13.04 12.95 -12.34
C GLN B 15 12.74 11.45 -12.42
N HIS B 16 11.49 11.04 -12.63
CA HIS B 16 11.11 9.62 -12.46
C HIS B 16 10.46 8.92 -13.68
N MET B 17 10.03 9.61 -14.73
CA MET B 17 9.31 8.97 -15.82
C MET B 17 10.37 8.55 -16.84
N GLN B 18 10.58 7.26 -17.02
CA GLN B 18 11.57 6.78 -17.99
C GLN B 18 11.06 5.51 -18.66
N PRO B 19 9.96 5.61 -19.41
CA PRO B 19 9.39 4.39 -20.05
C PRO B 19 10.39 3.65 -20.95
N SER B 20 11.33 4.38 -21.58
CA SER B 20 12.38 3.78 -22.40
C SER B 20 13.64 3.67 -21.57
N PRO B 21 13.99 2.49 -21.04
CA PRO B 21 15.12 2.43 -20.10
C PRO B 21 16.35 3.09 -20.69
N GLN B 22 17.05 3.84 -19.86
CA GLN B 22 18.18 4.66 -20.27
C GLN B 22 19.30 4.54 -19.23
N ALA B 23 20.53 4.82 -19.68
CA ALA B 23 21.73 4.73 -18.85
C ALA B 23 21.77 5.80 -17.76
N CYS B 24 22.08 5.41 -16.52
CA CYS B 24 22.04 6.39 -15.44
C CYS B 24 22.93 7.60 -15.75
N ASN B 25 24.17 7.37 -16.18
CA ASN B 25 25.06 8.53 -16.33
C ASN B 25 24.54 9.45 -17.41
N SER B 26 23.71 8.92 -18.31
CA SER B 26 23.06 9.76 -19.29
C SER B 26 21.76 10.38 -18.74
N ALA B 27 20.88 9.63 -18.12
CA ALA B 27 19.55 10.12 -17.72
C ALA B 27 19.70 11.20 -16.64
N MET B 28 20.59 11.00 -15.67
CA MET B 28 20.78 11.96 -14.60
C MET B 28 21.16 13.35 -15.08
N LYS B 29 21.78 13.47 -16.26
CA LYS B 29 22.10 14.79 -16.83
C LYS B 29 20.84 15.66 -16.92
N ASN B 30 19.72 15.07 -17.31
CA ASN B 30 18.39 15.73 -17.44
C ASN B 30 17.95 16.29 -16.08
N ILE B 31 18.36 15.68 -14.97
CA ILE B 31 18.04 16.13 -13.62
C ILE B 31 19.08 17.11 -13.12
N ASN B 32 20.36 16.73 -13.20
CA ASN B 32 21.42 17.56 -12.65
C ASN B 32 21.57 18.86 -13.40
N LYS B 33 21.13 18.91 -14.65
CA LYS B 33 21.10 20.19 -15.36
C LYS B 33 20.27 21.21 -14.63
N HIS B 34 19.34 20.81 -13.77
CA HIS B 34 18.51 21.75 -13.06
C HIS B 34 18.90 21.98 -11.59
N THR B 35 20.00 21.40 -11.14
CA THR B 35 20.40 21.40 -9.74
C THR B 35 21.79 22.01 -9.51
N LYS B 36 22.08 22.26 -8.25
CA LYS B 36 23.31 22.89 -7.81
C LYS B 36 24.36 21.88 -7.33
N ARG B 37 23.91 20.69 -6.89
CA ARG B 37 24.70 19.57 -6.41
C ARG B 37 24.30 18.33 -7.21
N CYS B 38 25.16 17.30 -7.20
CA CYS B 38 24.81 16.04 -7.85
C CYS B 38 23.73 15.33 -7.04
N LYS B 39 22.64 14.92 -7.68
CA LYS B 39 21.63 14.18 -6.93
C LYS B 39 22.21 12.85 -6.46
N ASP B 40 21.97 12.52 -5.19
CA ASP B 40 22.66 11.40 -4.61
C ASP B 40 22.02 10.09 -5.03
N LEU B 41 20.71 10.09 -5.17
CA LEU B 41 19.94 8.87 -5.41
C LEU B 41 18.64 9.20 -6.13
N ASN B 42 18.33 8.47 -7.18
CA ASN B 42 17.13 8.77 -7.92
C ASN B 42 16.59 7.49 -8.51
N THR B 43 15.26 7.39 -8.55
CA THR B 43 14.57 6.24 -9.08
C THR B 43 13.94 6.64 -10.41
N PHE B 44 14.18 5.85 -11.46
CA PHE B 44 13.44 5.96 -12.71
C PHE B 44 12.43 4.83 -12.76
N LEU B 45 11.16 5.19 -12.84
CA LEU B 45 10.06 4.26 -13.07
C LEU B 45 9.95 4.02 -14.57
N HIS B 46 9.91 2.75 -14.99
CA HIS B 46 9.87 2.47 -16.44
C HIS B 46 8.44 2.30 -16.89
N GLU B 47 7.68 3.39 -16.76
CA GLU B 47 6.26 3.49 -17.07
C GLU B 47 5.97 4.86 -17.68
N PRO B 48 5.01 4.95 -18.58
CA PRO B 48 4.59 6.27 -19.09
C PRO B 48 3.81 7.04 -18.03
N PHE B 49 3.67 8.33 -18.29
CA PHE B 49 3.02 9.19 -17.32
C PHE B 49 1.60 8.74 -17.02
N SER B 50 0.84 8.33 -18.04
CA SER B 50 -0.54 7.90 -17.77
C SER B 50 -0.63 6.73 -16.79
N SER B 51 0.38 5.86 -16.70
CA SER B 51 0.17 4.75 -15.78
C SER B 51 0.56 5.09 -14.34
N VAL B 52 1.48 6.02 -14.14
CA VAL B 52 1.72 6.52 -12.78
C VAL B 52 0.51 7.34 -12.34
N ALA B 53 -0.07 8.09 -13.27
CA ALA B 53 -1.22 8.91 -12.90
C ALA B 53 -2.39 8.04 -12.44
N ALA B 54 -2.61 6.90 -13.11
CA ALA B 54 -3.62 5.94 -12.64
C ALA B 54 -3.37 5.54 -11.20
N THR B 55 -2.11 5.35 -10.83
CA THR B 55 -1.84 5.02 -9.44
C THR B 55 -2.44 6.09 -8.51
N CYS B 56 -2.63 7.33 -8.98
CA CYS B 56 -3.21 8.38 -8.15
C CYS B 56 -4.65 8.09 -7.75
N GLN B 57 -5.35 7.18 -8.46
CA GLN B 57 -6.76 6.74 -8.22
C GLN B 57 -6.89 5.66 -7.14
N THR B 58 -5.80 5.13 -6.62
CA THR B 58 -5.79 4.17 -5.52
C THR B 58 -6.19 4.85 -4.20
N PRO B 59 -6.63 4.12 -3.14
CA PRO B 59 -7.08 4.82 -1.95
C PRO B 59 -5.99 5.67 -1.28
N LYS B 60 -6.29 6.90 -0.87
CA LYS B 60 -5.27 7.75 -0.21
C LYS B 60 -4.72 7.07 1.03
N ILE B 61 -3.41 7.18 1.19
CA ILE B 61 -2.65 6.69 2.32
C ILE B 61 -1.67 7.79 2.72
N ALA B 62 -1.15 7.67 3.93
CA ALA B 62 -0.27 8.71 4.47
C ALA B 62 1.09 8.60 3.82
N CYS B 63 1.69 9.76 3.49
CA CYS B 63 3.05 9.84 2.98
C CYS B 63 4.05 9.75 4.15
N LYS B 64 5.33 9.66 3.81
CA LYS B 64 6.39 9.71 4.82
C LYS B 64 6.27 10.89 5.77
N ASN B 65 5.92 12.06 5.26
CA ASN B 65 5.94 13.29 6.07
C ASN B 65 4.64 13.58 6.83
N GLY B 66 3.71 12.64 6.84
CA GLY B 66 2.42 12.83 7.45
C GLY B 66 1.32 13.31 6.52
N ASP B 67 1.65 13.84 5.34
CA ASP B 67 0.59 14.21 4.39
C ASP B 67 -0.27 13.03 4.03
N LYS B 68 -1.51 13.30 3.65
CA LYS B 68 -2.41 12.18 3.33
C LYS B 68 -2.85 12.23 1.88
N ASN B 69 -1.89 12.35 0.98
CA ASN B 69 -2.25 12.42 -0.44
C ASN B 69 -1.39 11.46 -1.23
N CYS B 70 -0.89 10.41 -0.57
CA CYS B 70 -0.04 9.39 -1.19
C CYS B 70 -0.88 8.19 -1.65
N HIS B 71 -0.29 7.39 -2.53
CA HIS B 71 -1.05 6.39 -3.29
C HIS B 71 -0.10 5.30 -3.75
N GLN B 72 -0.39 4.06 -3.37
CA GLN B 72 0.47 2.92 -3.65
C GLN B 72 0.01 2.23 -4.92
N SER B 73 0.96 1.73 -5.70
CA SER B 73 0.62 1.07 -6.96
C SER B 73 -0.10 -0.24 -6.68
N HIS B 74 -0.90 -0.68 -7.66
CA HIS B 74 -1.52 -2.01 -7.61
C HIS B 74 -0.46 -3.09 -7.47
N GLY B 75 0.65 -2.93 -8.15
CA GLY B 75 1.65 -3.96 -8.13
C GLY B 75 3.01 -3.40 -8.43
N ALA B 76 3.96 -4.27 -8.70
CA ALA B 76 5.33 -3.97 -9.03
C ALA B 76 5.49 -3.55 -10.48
N VAL B 77 6.55 -2.78 -10.75
CA VAL B 77 6.88 -2.30 -12.09
C VAL B 77 8.39 -2.31 -12.20
N SER B 78 8.88 -2.32 -13.41
CA SER B 78 10.32 -2.27 -13.69
C SER B 78 10.83 -0.89 -13.26
N LEU B 79 11.96 -0.80 -12.55
CA LEU B 79 12.50 0.52 -12.13
C LEU B 79 14.02 0.43 -12.02
N THR B 80 14.71 1.55 -12.23
CA THR B 80 16.18 1.65 -12.15
C THR B 80 16.59 2.72 -11.12
N MET B 81 17.30 2.37 -10.06
CA MET B 81 17.83 3.34 -9.13
C MET B 81 19.17 3.80 -9.65
N CYS B 82 19.45 5.09 -9.51
CA CYS B 82 20.75 5.63 -9.89
C CYS B 82 21.41 6.15 -8.62
N LYS B 83 22.56 5.59 -8.26
CA LYS B 83 23.29 6.01 -7.06
C LYS B 83 24.59 6.73 -7.44
N LEU B 84 24.76 7.92 -6.91
CA LEU B 84 25.97 8.68 -7.17
C LEU B 84 27.17 8.00 -6.53
N THR B 85 28.28 7.95 -7.26
CA THR B 85 29.50 7.35 -6.76
C THR B 85 30.71 8.29 -6.78
N SER B 86 30.71 9.31 -7.62
CA SER B 86 31.85 10.18 -7.77
C SER B 86 31.45 11.31 -8.69
N GLY B 87 32.31 12.29 -8.80
CA GLY B 87 32.15 13.42 -9.69
C GLY B 87 31.83 14.69 -8.92
N LYS B 88 32.29 15.82 -9.46
CA LYS B 88 31.89 17.14 -8.97
C LYS B 88 30.89 17.74 -9.96
N HIS B 89 29.71 18.14 -9.49
CA HIS B 89 28.68 18.68 -10.38
C HIS B 89 29.25 19.72 -11.35
N PRO B 90 28.92 19.68 -12.68
CA PRO B 90 27.91 18.90 -13.43
C PRO B 90 28.44 17.55 -13.96
N ASN B 91 29.67 17.19 -13.61
CA ASN B 91 30.31 15.91 -14.05
C ASN B 91 29.95 14.83 -13.02
N CYS B 92 28.68 14.41 -13.00
CA CYS B 92 28.16 13.44 -12.02
C CYS B 92 28.22 12.00 -12.60
N ARG B 93 28.64 10.99 -11.82
CA ARG B 93 28.84 9.60 -12.21
C ARG B 93 28.05 8.67 -11.28
N TYR B 94 27.50 7.58 -11.86
CA TYR B 94 26.50 6.79 -11.16
C TYR B 94 26.71 5.29 -11.36
N LYS B 95 26.29 4.48 -10.38
CA LYS B 95 26.20 3.01 -10.46
C LYS B 95 24.70 2.73 -10.45
N GLU B 96 24.22 1.72 -11.16
CA GLU B 96 22.75 1.53 -11.20
C GLU B 96 22.36 0.18 -10.58
N LYS B 97 21.07 0.07 -10.26
CA LYS B 97 20.43 -1.13 -9.74
C LYS B 97 19.04 -1.26 -10.34
N ARG B 98 18.80 -2.29 -11.19
CA ARG B 98 17.52 -2.57 -11.85
C ARG B 98 16.70 -3.51 -10.95
N GLN B 99 15.48 -3.12 -10.54
CA GLN B 99 14.58 -3.92 -9.73
C GLN B 99 13.17 -3.94 -10.32
N ASN B 100 12.33 -4.79 -9.74
CA ASN B 100 10.89 -4.86 -10.01
C ASN B 100 10.18 -4.63 -8.70
N LYS B 101 9.50 -3.49 -8.54
CA LYS B 101 8.96 -3.18 -7.23
C LYS B 101 7.76 -2.24 -7.31
N SER B 102 6.97 -2.25 -6.23
CA SER B 102 5.86 -1.34 -6.05
C SER B 102 6.37 0.05 -5.66
N TYR B 103 5.54 1.05 -5.86
CA TYR B 103 5.94 2.42 -5.54
C TYR B 103 4.78 3.20 -4.95
N VAL B 104 5.11 4.32 -4.32
CA VAL B 104 4.16 5.23 -3.68
C VAL B 104 4.41 6.65 -4.20
N VAL B 105 3.33 7.33 -4.63
CA VAL B 105 3.37 8.68 -5.18
C VAL B 105 2.37 9.58 -4.45
N ALA B 106 2.77 10.84 -4.21
CA ALA B 106 1.84 11.86 -3.68
C ALA B 106 1.27 12.57 -4.88
N CYS B 107 -0.06 12.80 -4.86
CA CYS B 107 -0.74 13.35 -6.02
C CYS B 107 -1.59 14.55 -5.64
N LYS B 108 -1.69 15.52 -6.54
CA LYS B 108 -2.51 16.72 -6.36
C LYS B 108 -3.17 17.04 -7.70
N PRO B 109 -4.12 17.96 -7.79
CA PRO B 109 -4.65 18.31 -9.11
C PRO B 109 -3.60 19.03 -9.93
N PRO B 110 -3.68 18.91 -11.27
CA PRO B 110 -2.71 19.59 -12.14
C PRO B 110 -2.78 21.11 -12.01
N GLN B 111 -1.63 21.78 -12.11
CA GLN B 111 -1.57 23.25 -12.15
C GLN B 111 -2.02 23.69 -13.54
N LYS B 112 -2.35 24.97 -13.72
CA LYS B 112 -2.92 25.39 -15.00
C LYS B 112 -2.03 24.95 -16.16
N LYS B 113 -0.72 24.99 -15.99
CA LYS B 113 0.20 24.70 -17.13
C LYS B 113 0.33 23.20 -17.40
N ASP B 114 -0.21 22.33 -16.56
CA ASP B 114 -0.06 20.89 -16.72
C ASP B 114 -1.16 20.36 -17.64
N SER B 115 -1.12 19.05 -17.86
CA SER B 115 -2.14 18.37 -18.65
C SER B 115 -3.45 18.38 -17.89
N GLN B 116 -4.49 18.88 -18.52
CA GLN B 116 -5.77 18.88 -17.87
C GLN B 116 -6.54 17.63 -18.18
N GLN B 117 -5.84 16.57 -18.55
CA GLN B 117 -6.55 15.36 -18.87
C GLN B 117 -6.69 14.46 -17.65
N PHE B 118 -5.89 14.68 -16.62
CA PHE B 118 -5.98 13.82 -15.40
C PHE B 118 -6.59 14.60 -14.22
N HIS B 119 -7.36 13.91 -13.41
CA HIS B 119 -7.96 14.51 -12.24
C HIS B 119 -6.89 14.79 -11.17
N LEU B 120 -5.95 13.88 -11.04
CA LEU B 120 -4.82 13.98 -10.10
C LEU B 120 -3.53 13.62 -10.85
N VAL B 121 -2.42 14.33 -10.61
CA VAL B 121 -1.12 14.02 -11.20
C VAL B 121 -0.10 13.75 -10.11
N PRO B 122 0.89 12.90 -10.37
CA PRO B 122 1.98 12.73 -9.39
C PRO B 122 2.92 13.93 -9.33
N VAL B 123 3.37 14.23 -8.12
CA VAL B 123 4.32 15.31 -7.91
C VAL B 123 5.49 14.92 -7.03
N HIS B 124 5.42 13.83 -6.27
CA HIS B 124 6.56 13.33 -5.53
C HIS B 124 6.54 11.81 -5.50
N LEU B 125 7.72 11.20 -5.63
CA LEU B 125 7.92 9.78 -5.42
C LEU B 125 8.27 9.63 -3.95
N ASP B 126 7.40 8.98 -3.19
CA ASP B 126 7.58 8.94 -1.75
C ASP B 126 8.40 7.75 -1.35
N ARG B 127 8.31 6.70 -2.17
CA ARG B 127 8.86 5.44 -1.72
C ARG B 127 8.84 4.40 -2.82
N VAL B 128 9.78 3.49 -2.72
CA VAL B 128 9.78 2.25 -3.45
C VAL B 128 9.75 1.14 -2.43
N LEU B 129 8.85 0.21 -2.60
CA LEU B 129 8.74 -0.88 -1.66
C LEU B 129 9.26 -2.18 -2.23
#